data_7OVU
#
_entry.id   7OVU
#
_cell.length_a   67.202
_cell.length_b   48.895
_cell.length_c   60.123
_cell.angle_alpha   90.000
_cell.angle_beta   102.750
_cell.angle_gamma   90.000
#
_symmetry.space_group_name_H-M   'C 1 2 1'
#
loop_
_entity.id
_entity.type
_entity.pdbx_description
1 polymer 'Acyl-CoA N-acyltransferases (NAT) superfamily protein'
2 non-polymer 'ACETYL COENZYME *A'
3 water water
#
_entity_poly.entity_id   1
_entity_poly.type   'polypeptide(L)'
_entity_poly.pdbx_seq_one_letter_code
;MVTRMATKVSLEGKRVVLVPYMAEHVPKYHQWMQDSALLEATGSEPLSLEQEYEMQLSWTQDPNKRTFIVLDKDFVKGDL
AHGQPHVEAMTGDVNIYMNDVDDPKVAEVEIMIAEPRSRGKGLGKESVLIMMAYGVKNLEIHKFTAKIGESNTASLSLFR
KLGFEESSYSGIFKEVTLEYPVTNLRREELLKLLDEVIRHTHSSNNPSDSLLSGEATA
;
_entity_poly.pdbx_strand_id   A
#
loop_
_chem_comp.id
_chem_comp.type
_chem_comp.name
_chem_comp.formula
ACO non-polymer 'ACETYL COENZYME *A' 'C23 H38 N7 O17 P3 S'
#
# COMPACT_ATOMS: atom_id res chain seq x y z
N THR A 7 5.04 -7.28 -11.37
CA THR A 7 4.49 -6.01 -11.81
C THR A 7 5.42 -5.30 -12.80
N LYS A 8 4.81 -4.93 -13.93
CA LYS A 8 5.52 -4.34 -15.04
C LYS A 8 5.16 -2.88 -15.25
N VAL A 9 4.32 -2.30 -14.39
CA VAL A 9 3.92 -0.91 -14.58
C VAL A 9 4.04 -0.13 -13.27
N SER A 10 4.17 1.18 -13.41
CA SER A 10 3.96 2.11 -12.32
C SER A 10 2.66 2.87 -12.57
N LEU A 11 2.10 3.41 -11.48
CA LEU A 11 0.77 4.01 -11.50
C LEU A 11 0.89 5.45 -10.99
N GLU A 12 0.58 6.40 -11.85
CA GLU A 12 0.68 7.80 -11.52
C GLU A 12 -0.69 8.40 -11.26
N GLY A 13 -0.91 8.84 -10.04
CA GLY A 13 -2.11 9.58 -9.69
C GLY A 13 -1.87 11.07 -9.63
N LYS A 14 -2.69 11.75 -8.83
CA LYS A 14 -2.59 13.20 -8.75
C LYS A 14 -1.37 13.64 -7.95
N ARG A 15 -1.13 13.01 -6.80
CA ARG A 15 -0.08 13.42 -5.89
C ARG A 15 0.97 12.35 -5.64
N VAL A 16 0.73 11.11 -6.04
CA VAL A 16 1.66 10.00 -5.82
C VAL A 16 1.96 9.32 -7.14
N VAL A 17 3.10 8.63 -7.16
CA VAL A 17 3.41 7.59 -8.14
C VAL A 17 3.69 6.32 -7.36
N LEU A 18 3.06 5.23 -7.77
CA LEU A 18 3.29 3.93 -7.14
C LEU A 18 4.22 3.19 -8.10
N VAL A 19 5.45 2.92 -7.66
CA VAL A 19 6.43 2.26 -8.50
C VAL A 19 6.78 0.89 -7.97
N PRO A 20 7.13 -0.07 -8.81
CA PRO A 20 7.62 -1.36 -8.30
C PRO A 20 8.77 -1.18 -7.31
N TYR A 21 8.77 -2.01 -6.27
CA TYR A 21 9.86 -2.03 -5.29
C TYR A 21 11.09 -2.66 -5.94
N MET A 22 12.16 -1.89 -6.03
CA MET A 22 13.40 -2.26 -6.70
C MET A 22 14.54 -2.40 -5.69
N ALA A 23 15.60 -3.09 -6.12
CA ALA A 23 16.78 -3.21 -5.28
C ALA A 23 17.35 -1.84 -4.92
N GLU A 24 17.22 -0.87 -5.83
CA GLU A 24 17.71 0.48 -5.57
C GLU A 24 17.00 1.16 -4.40
N HIS A 25 15.80 0.71 -4.05
CA HIS A 25 15.04 1.28 -2.94
C HIS A 25 15.40 0.67 -1.58
N VAL A 26 16.15 -0.44 -1.57
CA VAL A 26 16.33 -1.19 -0.33
C VAL A 26 17.06 -0.40 0.74
N PRO A 27 18.16 0.30 0.47
CA PRO A 27 18.84 1.01 1.56
C PRO A 27 17.96 2.01 2.28
N LYS A 28 17.19 2.81 1.54
CA LYS A 28 16.32 3.78 2.21
C LYS A 28 15.19 3.08 2.95
N TYR A 29 14.59 2.05 2.34
CA TYR A 29 13.53 1.28 3.01
C TYR A 29 14.06 0.66 4.31
N HIS A 30 15.26 0.11 4.27
CA HIS A 30 15.85 -0.45 5.47
C HIS A 30 16.05 0.62 6.53
N GLN A 31 16.42 1.84 6.13
CA GLN A 31 16.57 2.93 7.08
C GLN A 31 15.24 3.30 7.72
N TRP A 32 14.17 3.38 6.94
CA TRP A 32 12.85 3.60 7.51
C TRP A 32 12.56 2.57 8.61
N MET A 33 12.89 1.31 8.35
CA MET A 33 12.51 0.22 9.25
C MET A 33 13.32 0.20 10.54
N GLN A 34 14.26 1.13 10.70
CA GLN A 34 14.95 1.23 11.98
C GLN A 34 14.09 1.88 13.03
N ASP A 35 13.00 2.53 12.64
CA ASP A 35 12.09 3.16 13.58
C ASP A 35 11.24 2.05 14.20
N SER A 36 11.51 1.75 15.48
CA SER A 36 10.76 0.72 16.16
C SER A 36 9.26 1.02 16.13
N ALA A 37 8.90 2.31 16.21
CA ALA A 37 7.49 2.68 16.09
C ALA A 37 6.93 2.26 14.73
N LEU A 38 7.67 2.54 13.63
CA LEU A 38 7.21 2.10 12.31
C LEU A 38 7.11 0.57 12.25
N LEU A 39 8.12 -0.13 12.77
CA LEU A 39 8.05 -1.59 12.80
C LEU A 39 6.78 -2.06 13.48
N GLU A 40 6.54 -1.60 14.72
CA GLU A 40 5.38 -2.06 15.48
C GLU A 40 4.07 -1.64 14.80
N ALA A 41 4.02 -0.41 14.29
CA ALA A 41 2.79 0.08 13.66
C ALA A 41 2.45 -0.72 12.40
N THR A 42 3.45 -1.01 11.57
CA THR A 42 3.29 -1.95 10.49
C THR A 42 3.44 -3.37 11.04
N GLY A 43 3.29 -4.36 10.18
CA GLY A 43 3.36 -5.73 10.65
C GLY A 43 4.76 -6.31 10.66
N SER A 44 5.77 -5.46 10.75
CA SER A 44 7.12 -5.81 10.34
C SER A 44 7.97 -6.36 11.48
N GLU A 45 8.82 -7.32 11.16
CA GLU A 45 9.88 -7.76 12.05
C GLU A 45 11.20 -7.15 11.61
N PRO A 46 12.11 -6.85 12.54
CA PRO A 46 13.40 -6.27 12.14
C PRO A 46 14.20 -7.27 11.31
N LEU A 47 14.71 -6.81 10.18
CA LEU A 47 15.52 -7.65 9.31
C LEU A 47 16.95 -7.12 9.27
N SER A 48 17.89 -8.02 8.95
CA SER A 48 19.20 -7.60 8.50
C SER A 48 19.11 -6.99 7.11
N LEU A 49 20.16 -6.30 6.70
CA LEU A 49 20.20 -5.77 5.34
C LEU A 49 20.11 -6.90 4.31
N GLU A 50 20.86 -7.99 4.53
CA GLU A 50 20.75 -9.17 3.67
C GLU A 50 19.30 -9.60 3.52
N GLN A 51 18.60 -9.75 4.63
CA GLN A 51 17.23 -10.20 4.56
C GLN A 51 16.36 -9.19 3.83
N GLU A 52 16.65 -7.89 4.01
CA GLU A 52 15.87 -6.87 3.33
C GLU A 52 16.01 -6.99 1.83
N TYR A 53 17.23 -7.26 1.34
CA TYR A 53 17.42 -7.45 -0.09
C TYR A 53 16.72 -8.72 -0.57
N GLU A 54 16.81 -9.80 0.21
CA GLU A 54 16.14 -11.03 -0.22
C GLU A 54 14.63 -10.86 -0.19
N MET A 55 14.10 -10.08 0.75
CA MET A 55 12.66 -9.83 0.77
C MET A 55 12.20 -8.95 -0.40
N GLN A 56 13.02 -8.01 -0.85
CA GLN A 56 12.66 -7.26 -2.05
C GLN A 56 12.40 -8.21 -3.21
N LEU A 57 13.26 -9.21 -3.36
CA LEU A 57 13.04 -10.20 -4.42
C LEU A 57 11.81 -11.07 -4.14
N SER A 58 11.64 -11.54 -2.91
CA SER A 58 10.51 -12.45 -2.64
C SER A 58 9.16 -11.74 -2.67
N TRP A 59 9.06 -10.55 -2.07
CA TRP A 59 7.80 -9.81 -2.06
C TRP A 59 7.31 -9.52 -3.47
N THR A 60 8.22 -9.14 -4.35
CA THR A 60 7.86 -8.72 -5.70
C THR A 60 7.65 -9.91 -6.64
N GLN A 61 7.99 -11.12 -6.22
CA GLN A 61 7.74 -12.33 -7.00
C GLN A 61 6.54 -13.11 -6.51
N ASP A 62 5.91 -12.65 -5.42
CA ASP A 62 4.81 -13.39 -4.79
C ASP A 62 3.52 -13.19 -5.58
N PRO A 63 2.96 -14.25 -6.17
CA PRO A 63 1.77 -14.07 -7.02
C PRO A 63 0.55 -13.58 -6.25
N ASN A 64 0.55 -13.71 -4.94
CA ASN A 64 -0.60 -13.33 -4.13
C ASN A 64 -0.45 -11.99 -3.49
N LYS A 65 0.54 -11.21 -3.88
CA LYS A 65 0.79 -9.88 -3.34
C LYS A 65 0.98 -8.91 -4.51
N ARG A 66 0.55 -7.67 -4.30
CA ARG A 66 0.94 -6.57 -5.17
C ARG A 66 1.51 -5.49 -4.25
N THR A 67 2.70 -5.01 -4.58
CA THR A 67 3.40 -4.08 -3.73
C THR A 67 3.96 -2.95 -4.56
N PHE A 68 3.95 -1.75 -3.98
CA PHE A 68 4.54 -0.60 -4.62
C PHE A 68 5.22 0.28 -3.58
N ILE A 69 6.31 0.91 -3.98
CA ILE A 69 6.87 2.05 -3.27
C ILE A 69 6.10 3.30 -3.65
N VAL A 70 5.74 4.10 -2.65
CA VAL A 70 5.04 5.36 -2.88
C VAL A 70 6.06 6.48 -3.09
N LEU A 71 5.94 7.19 -4.20
CA LEU A 71 6.70 8.41 -4.44
C LEU A 71 5.81 9.63 -4.24
N ASP A 72 6.36 10.66 -3.61
CA ASP A 72 5.71 11.97 -3.52
C ASP A 72 6.06 12.76 -4.78
N LYS A 73 5.05 13.07 -5.61
CA LYS A 73 5.32 13.69 -6.90
C LYS A 73 6.02 15.04 -6.75
N ASP A 74 5.84 15.73 -5.62
CA ASP A 74 6.49 17.02 -5.41
C ASP A 74 8.01 16.91 -5.37
N PHE A 75 8.55 15.73 -5.11
CA PHE A 75 9.98 15.50 -4.98
C PHE A 75 10.57 14.69 -6.13
N VAL A 76 9.75 14.30 -7.12
CA VAL A 76 10.27 13.51 -8.24
C VAL A 76 11.08 14.42 -9.16
N LYS A 77 12.30 14.03 -9.46
CA LYS A 77 13.19 14.77 -10.36
C LYS A 77 13.39 13.93 -11.60
N GLY A 78 12.83 14.38 -12.73
CA GLY A 78 12.87 13.64 -13.97
C GLY A 78 11.58 12.90 -14.23
N ASP A 79 11.51 12.28 -15.41
CA ASP A 79 10.24 11.70 -15.84
C ASP A 79 10.03 10.31 -15.28
N LEU A 80 8.82 9.80 -15.51
CA LEU A 80 8.38 8.50 -15.01
C LEU A 80 8.33 7.46 -16.11
N ALA A 81 8.98 7.71 -17.25
CA ALA A 81 8.80 6.88 -18.44
C ALA A 81 9.95 5.92 -18.70
N HIS A 82 10.92 5.79 -17.79
CA HIS A 82 12.11 5.00 -18.07
C HIS A 82 12.45 3.99 -16.97
N GLY A 83 11.48 3.63 -16.14
CA GLY A 83 11.70 2.59 -15.13
C GLY A 83 12.65 2.98 -14.03
N GLN A 84 12.86 4.27 -13.80
CA GLN A 84 13.82 4.71 -12.81
C GLN A 84 13.22 4.64 -11.40
N PRO A 85 14.05 4.33 -10.39
CA PRO A 85 13.52 4.18 -9.03
C PRO A 85 13.13 5.47 -8.34
N HIS A 86 13.76 6.60 -8.66
CA HIS A 86 13.45 7.87 -8.00
C HIS A 86 13.59 7.79 -6.49
N VAL A 87 14.76 7.30 -6.03
CA VAL A 87 15.05 7.23 -4.60
C VAL A 87 14.81 8.58 -3.93
N GLU A 88 15.08 9.68 -4.64
CA GLU A 88 14.95 11.01 -4.07
C GLU A 88 13.53 11.35 -3.66
N ALA A 89 12.54 10.63 -4.18
CA ALA A 89 11.14 10.92 -3.91
C ALA A 89 10.46 9.83 -3.09
N MET A 90 11.21 8.80 -2.66
CA MET A 90 10.63 7.71 -1.90
C MET A 90 9.96 8.23 -0.64
N THR A 91 8.75 7.73 -0.37
CA THR A 91 7.94 8.24 0.73
C THR A 91 7.36 7.12 1.59
N GLY A 92 7.07 5.97 0.99
CA GLY A 92 6.52 4.88 1.78
C GLY A 92 6.21 3.69 0.91
N ASP A 93 5.25 2.88 1.32
CA ASP A 93 4.88 1.71 0.53
C ASP A 93 3.39 1.41 0.71
N VAL A 94 2.86 0.63 -0.22
CA VAL A 94 1.47 0.20 -0.18
C VAL A 94 1.41 -1.20 -0.76
N ASN A 95 0.59 -2.06 -0.17
CA ASN A 95 0.41 -3.35 -0.83
C ASN A 95 -0.95 -3.92 -0.51
N ILE A 96 -1.31 -4.93 -1.30
CA ILE A 96 -2.45 -5.80 -1.04
C ILE A 96 -1.98 -7.24 -1.04
N TYR A 97 -2.57 -8.05 -0.16
CA TYR A 97 -2.25 -9.46 -0.08
CA TYR A 97 -2.24 -9.46 -0.02
C TYR A 97 -3.54 -10.26 -0.14
N MET A 98 -3.61 -11.21 -1.07
CA MET A 98 -4.75 -12.11 -1.17
CA MET A 98 -4.75 -12.12 -1.17
C MET A 98 -4.44 -13.31 -0.28
N ASN A 99 -4.92 -13.23 0.98
CA ASN A 99 -4.52 -14.15 2.03
C ASN A 99 -5.71 -14.86 2.68
N ASP A 100 -6.84 -14.95 2.01
CA ASP A 100 -8.03 -15.59 2.55
C ASP A 100 -8.23 -16.90 1.80
N VAL A 101 -7.97 -18.03 2.46
CA VAL A 101 -8.02 -19.33 1.81
C VAL A 101 -9.42 -19.61 1.28
N ASP A 102 -10.43 -19.01 1.91
CA ASP A 102 -11.84 -19.21 1.62
C ASP A 102 -12.32 -18.38 0.44
N ASP A 103 -11.56 -17.37 0.02
CA ASP A 103 -12.06 -16.44 -0.98
C ASP A 103 -10.90 -15.70 -1.65
N PRO A 104 -10.57 -16.07 -2.89
CA PRO A 104 -9.45 -15.40 -3.57
C PRO A 104 -9.74 -13.96 -3.97
N LYS A 105 -10.97 -13.49 -3.80
CA LYS A 105 -11.32 -12.12 -4.12
C LYS A 105 -11.42 -11.23 -2.87
N VAL A 106 -10.76 -11.62 -1.78
CA VAL A 106 -10.58 -10.78 -0.61
C VAL A 106 -9.10 -10.43 -0.50
N ALA A 107 -8.81 -9.18 -0.21
CA ALA A 107 -7.43 -8.73 -0.06
C ALA A 107 -7.26 -7.86 1.17
N GLU A 108 -6.15 -8.08 1.87
CA GLU A 108 -5.73 -7.23 2.97
C GLU A 108 -4.85 -6.11 2.43
N VAL A 109 -5.05 -4.90 2.98
CA VAL A 109 -4.34 -3.69 2.57
C VAL A 109 -3.35 -3.30 3.68
N GLU A 110 -2.17 -2.85 3.27
CA GLU A 110 -1.22 -2.18 4.15
C GLU A 110 -0.75 -0.89 3.49
N ILE A 111 -0.49 0.12 4.33
CA ILE A 111 -0.02 1.43 3.86
C ILE A 111 0.97 1.96 4.88
N MET A 112 2.02 2.61 4.40
CA MET A 112 2.97 3.33 5.25
C MET A 112 3.44 4.57 4.50
N ILE A 113 3.36 5.74 5.14
CA ILE A 113 4.00 6.96 4.69
C ILE A 113 5.08 7.25 5.72
N ALA A 114 6.32 6.91 5.38
CA ALA A 114 7.41 6.93 6.34
C ALA A 114 8.10 8.28 6.47
N GLU A 115 8.07 9.11 5.43
CA GLU A 115 8.80 10.38 5.45
C GLU A 115 7.95 11.48 6.06
N PRO A 116 8.37 12.08 7.18
CA PRO A 116 7.55 13.14 7.79
C PRO A 116 7.27 14.30 6.84
N ARG A 117 8.22 14.65 5.97
CA ARG A 117 8.03 15.78 5.06
C ARG A 117 6.84 15.58 4.12
N SER A 118 6.38 14.34 3.96
CA SER A 118 5.31 14.03 3.03
C SER A 118 4.02 13.62 3.72
N ARG A 119 3.96 13.68 5.05
CA ARG A 119 2.75 13.33 5.75
C ARG A 119 1.76 14.48 5.73
N GLY A 120 0.48 14.13 5.78
CA GLY A 120 -0.58 15.12 5.81
C GLY A 120 -0.87 15.78 4.49
N LYS A 121 -0.41 15.19 3.38
CA LYS A 121 -0.66 15.71 2.04
C LYS A 121 -1.68 14.88 1.27
N GLY A 122 -2.28 13.88 1.91
CA GLY A 122 -3.19 12.97 1.25
C GLY A 122 -2.53 11.84 0.51
N LEU A 123 -1.25 11.61 0.74
CA LEU A 123 -0.56 10.56 -0.02
C LEU A 123 -0.97 9.17 0.44
N GLY A 124 -1.18 8.98 1.74
CA GLY A 124 -1.65 7.67 2.19
C GLY A 124 -3.03 7.33 1.64
N LYS A 125 -3.95 8.30 1.69
CA LYS A 125 -5.30 8.10 1.17
C LYS A 125 -5.28 7.76 -0.32
N GLU A 126 -4.54 8.54 -1.13
CA GLU A 126 -4.54 8.30 -2.57
C GLU A 126 -3.89 6.96 -2.90
N SER A 127 -2.79 6.64 -2.20
CA SER A 127 -2.12 5.37 -2.47
C SER A 127 -3.02 4.19 -2.17
N VAL A 128 -3.73 4.21 -1.03
CA VAL A 128 -4.67 3.14 -0.71
C VAL A 128 -5.78 3.05 -1.76
N LEU A 129 -6.36 4.19 -2.15
CA LEU A 129 -7.44 4.15 -3.14
C LEU A 129 -6.98 3.63 -4.50
N ILE A 130 -5.81 4.06 -4.97
CA ILE A 130 -5.30 3.55 -6.24
C ILE A 130 -5.08 2.04 -6.14
N MET A 131 -4.48 1.58 -5.05
CA MET A 131 -4.22 0.15 -4.91
CA MET A 131 -4.22 0.16 -4.92
C MET A 131 -5.52 -0.63 -4.81
N MET A 132 -6.49 -0.12 -4.05
CA MET A 132 -7.80 -0.78 -4.01
C MET A 132 -8.40 -0.86 -5.41
N ALA A 133 -8.38 0.25 -6.15
CA ALA A 133 -8.97 0.23 -7.48
C ALA A 133 -8.24 -0.74 -8.40
N TYR A 134 -6.90 -0.78 -8.32
CA TYR A 134 -6.13 -1.77 -9.08
C TYR A 134 -6.57 -3.19 -8.74
N GLY A 135 -6.82 -3.48 -7.47
CA GLY A 135 -7.27 -4.80 -7.10
C GLY A 135 -8.65 -5.12 -7.62
N VAL A 136 -9.56 -4.13 -7.60
CA VAL A 136 -10.90 -4.36 -8.11
C VAL A 136 -10.85 -4.70 -9.61
N LYS A 137 -10.10 -3.91 -10.39
CA LYS A 137 -10.05 -4.14 -11.83
C LYS A 137 -9.34 -5.44 -12.17
N ASN A 138 -8.15 -5.66 -11.61
CA ASN A 138 -7.26 -6.72 -12.11
C ASN A 138 -7.33 -8.01 -11.32
N LEU A 139 -7.66 -7.94 -10.03
CA LEU A 139 -7.78 -9.11 -9.19
C LEU A 139 -9.23 -9.42 -8.84
N GLU A 140 -10.17 -8.61 -9.32
CA GLU A 140 -11.58 -8.83 -9.06
C GLU A 140 -11.90 -8.84 -7.58
N ILE A 141 -11.18 -8.04 -6.80
CA ILE A 141 -11.40 -8.00 -5.36
C ILE A 141 -12.78 -7.45 -5.08
N HIS A 142 -13.53 -8.14 -4.21
CA HIS A 142 -14.84 -7.63 -3.81
C HIS A 142 -14.94 -7.29 -2.33
N LYS A 143 -13.87 -7.49 -1.57
CA LYS A 143 -13.83 -6.99 -0.19
C LYS A 143 -12.38 -6.80 0.20
N PHE A 144 -12.07 -5.67 0.82
CA PHE A 144 -10.77 -5.41 1.40
C PHE A 144 -10.86 -5.46 2.92
N THR A 145 -9.73 -5.84 3.53
CA THR A 145 -9.60 -5.84 4.97
C THR A 145 -8.36 -5.04 5.37
N ALA A 146 -8.36 -4.57 6.60
CA ALA A 146 -7.20 -3.89 7.18
C ALA A 146 -7.09 -4.32 8.63
N LYS A 147 -5.88 -4.67 9.05
CA LYS A 147 -5.59 -5.06 10.42
C LYS A 147 -4.71 -4.00 11.06
N ILE A 148 -5.21 -3.36 12.11
CA ILE A 148 -4.65 -2.14 12.63
C ILE A 148 -4.48 -2.24 14.15
N GLY A 149 -3.33 -1.82 14.64
CA GLY A 149 -3.12 -1.83 16.08
C GLY A 149 -4.07 -0.88 16.78
N GLU A 150 -4.54 -1.29 17.97
CA GLU A 150 -5.64 -0.60 18.64
C GLU A 150 -5.29 0.82 19.03
N SER A 151 -4.00 1.13 19.12
CA SER A 151 -3.52 2.45 19.51
C SER A 151 -3.12 3.30 18.31
N ASN A 152 -3.21 2.75 17.10
CA ASN A 152 -2.72 3.42 15.90
C ASN A 152 -3.79 4.40 15.43
N THR A 153 -3.84 5.53 16.13
CA THR A 153 -4.83 6.56 15.85
C THR A 153 -4.82 6.95 14.38
N ALA A 154 -3.63 7.17 13.81
CA ALA A 154 -3.55 7.69 12.45
C ALA A 154 -4.12 6.71 11.43
N SER A 155 -3.76 5.43 11.54
CA SER A 155 -4.24 4.46 10.56
C SER A 155 -5.72 4.16 10.75
N LEU A 156 -6.16 4.00 12.00
CA LEU A 156 -7.59 3.80 12.23
C LEU A 156 -8.39 4.93 11.62
N SER A 157 -7.93 6.17 11.79
N SER A 157 -7.94 6.17 11.81
CA SER A 157 -8.64 7.31 11.23
CA SER A 157 -8.65 7.31 11.22
C SER A 157 -8.67 7.25 9.69
C SER A 157 -8.68 7.21 9.70
N LEU A 158 -7.53 6.93 9.08
CA LEU A 158 -7.48 6.88 7.62
C LEU A 158 -8.47 5.87 7.05
N PHE A 159 -8.44 4.63 7.55
CA PHE A 159 -9.30 3.60 7.00
C PHE A 159 -10.78 3.87 7.28
N ARG A 160 -11.10 4.35 8.49
CA ARG A 160 -12.49 4.71 8.74
C ARG A 160 -12.95 5.84 7.83
N LYS A 161 -12.07 6.81 7.57
CA LYS A 161 -12.50 7.91 6.72
C LYS A 161 -12.66 7.48 5.28
N LEU A 162 -12.01 6.39 4.87
CA LEU A 162 -12.24 5.81 3.55
C LEU A 162 -13.53 5.02 3.48
N GLY A 163 -14.17 4.74 4.62
CA GLY A 163 -15.36 3.94 4.65
C GLY A 163 -15.21 2.51 5.12
N PHE A 164 -14.02 2.10 5.57
CA PHE A 164 -13.88 0.79 6.19
C PHE A 164 -14.66 0.77 7.49
N GLU A 165 -15.26 -0.37 7.81
CA GLU A 165 -16.08 -0.54 9.00
C GLU A 165 -15.50 -1.67 9.85
N GLU A 166 -15.54 -1.50 11.18
CA GLU A 166 -14.94 -2.50 12.05
C GLU A 166 -15.72 -3.80 11.94
N SER A 167 -14.99 -4.91 11.76
CA SER A 167 -15.59 -6.23 11.70
C SER A 167 -15.22 -7.12 12.87
N SER A 168 -14.04 -6.93 13.47
CA SER A 168 -13.72 -7.67 14.68
C SER A 168 -12.55 -7.03 15.42
N TYR A 169 -12.35 -7.51 16.64
CA TYR A 169 -11.30 -7.00 17.50
C TYR A 169 -10.66 -8.17 18.24
N SER A 170 -9.34 -8.17 18.26
CA SER A 170 -8.58 -9.14 19.05
C SER A 170 -7.95 -8.41 20.23
N GLY A 171 -8.48 -8.66 21.42
CA GLY A 171 -7.85 -8.12 22.62
C GLY A 171 -6.52 -8.76 22.91
N ILE A 172 -6.33 -10.00 22.45
CA ILE A 172 -5.06 -10.69 22.62
C ILE A 172 -3.93 -9.92 21.93
N PHE A 173 -4.16 -9.52 20.68
CA PHE A 173 -3.14 -8.85 19.89
C PHE A 173 -3.32 -7.35 19.84
N LYS A 174 -4.35 -6.82 20.50
CA LYS A 174 -4.59 -5.39 20.57
C LYS A 174 -4.75 -4.84 19.15
N GLU A 175 -5.61 -5.50 18.38
CA GLU A 175 -5.66 -5.34 16.93
C GLU A 175 -7.10 -5.27 16.48
N VAL A 176 -7.43 -4.23 15.71
CA VAL A 176 -8.74 -4.04 15.15
C VAL A 176 -8.70 -4.49 13.69
N THR A 177 -9.69 -5.25 13.26
CA THR A 177 -9.85 -5.60 11.86
C THR A 177 -11.05 -4.83 11.30
N LEU A 178 -10.83 -4.14 10.19
CA LEU A 178 -11.86 -3.40 9.47
C LEU A 178 -12.04 -4.01 8.09
N GLU A 179 -13.25 -3.84 7.52
CA GLU A 179 -13.59 -4.39 6.22
C GLU A 179 -14.20 -3.31 5.33
N TYR A 180 -14.04 -3.51 4.02
CA TYR A 180 -14.57 -2.61 2.98
C TYR A 180 -15.19 -3.48 1.91
N PRO A 181 -16.50 -3.76 2.02
CA PRO A 181 -17.21 -4.44 0.93
C PRO A 181 -17.27 -3.55 -0.30
N VAL A 182 -16.95 -4.13 -1.46
CA VAL A 182 -16.97 -3.40 -2.73
C VAL A 182 -18.38 -3.55 -3.29
N THR A 183 -19.24 -2.59 -2.93
CA THR A 183 -20.59 -2.52 -3.47
C THR A 183 -20.57 -2.11 -4.93
N ASN A 184 -21.74 -2.14 -5.58
CA ASN A 184 -21.81 -1.73 -6.98
CA ASN A 184 -21.81 -1.73 -6.98
C ASN A 184 -21.36 -0.29 -7.14
N LEU A 185 -21.77 0.60 -6.23
CA LEU A 185 -21.39 2.00 -6.34
C LEU A 185 -19.91 2.19 -6.08
N ARG A 186 -19.36 1.50 -5.09
CA ARG A 186 -17.93 1.60 -4.83
C ARG A 186 -17.12 1.04 -5.99
N ARG A 187 -17.57 -0.07 -6.58
CA ARG A 187 -16.87 -0.62 -7.73
C ARG A 187 -16.81 0.40 -8.86
N GLU A 188 -17.95 1.04 -9.17
CA GLU A 188 -18.00 2.06 -10.21
C GLU A 188 -17.04 3.22 -9.90
N GLU A 189 -17.08 3.73 -8.66
CA GLU A 189 -16.23 4.83 -8.26
C GLU A 189 -14.75 4.46 -8.40
N LEU A 190 -14.38 3.27 -7.94
CA LEU A 190 -12.97 2.88 -7.96
C LEU A 190 -12.47 2.69 -9.39
N LEU A 191 -13.31 2.11 -10.24
CA LEU A 191 -12.88 1.93 -11.62
C LEU A 191 -12.75 3.27 -12.33
N LYS A 192 -13.66 4.22 -12.04
CA LYS A 192 -13.51 5.56 -12.63
C LYS A 192 -12.22 6.22 -12.17
N LEU A 193 -11.90 6.08 -10.89
CA LEU A 193 -10.64 6.63 -10.37
C LEU A 193 -9.45 6.02 -11.08
N LEU A 194 -9.43 4.69 -11.23
CA LEU A 194 -8.32 4.03 -11.89
C LEU A 194 -8.22 4.41 -13.36
N ASP A 195 -9.36 4.70 -14.02
CA ASP A 195 -9.31 5.14 -15.41
C ASP A 195 -8.48 6.40 -15.59
N GLU A 196 -8.36 7.22 -14.55
CA GLU A 196 -7.62 8.47 -14.62
C GLU A 196 -6.17 8.32 -14.18
N VAL A 197 -5.78 7.13 -13.74
CA VAL A 197 -4.41 6.87 -13.30
C VAL A 197 -3.57 6.50 -14.51
N ILE A 198 -2.47 7.20 -14.70
CA ILE A 198 -1.58 7.01 -15.84
C ILE A 198 -0.68 5.82 -15.54
N ARG A 199 -0.55 4.92 -16.51
CA ARG A 199 0.39 3.81 -16.41
C ARG A 199 1.69 4.17 -17.13
N HIS A 200 2.80 3.77 -16.52
CA HIS A 200 4.13 3.85 -17.15
C HIS A 200 4.72 2.45 -17.16
N THR A 201 5.44 2.14 -18.25
CA THR A 201 6.10 0.85 -18.35
C THR A 201 7.32 0.86 -17.45
N HIS A 202 7.43 -0.14 -16.61
CA HIS A 202 8.46 -0.11 -15.61
C HIS A 202 9.01 -1.51 -15.43
N1A ACO B . -3.90 11.46 13.44
C2A ACO B . -5.17 11.10 13.04
N3A ACO B . -5.65 10.79 11.83
C4A ACO B . -4.67 10.86 10.85
C5A ACO B . -3.30 11.22 11.11
C6A ACO B . -2.98 11.51 12.43
N6A ACO B . -1.69 11.85 12.73
N7A ACO B . -2.54 11.21 9.94
C8A ACO B . -3.43 10.85 8.99
N9A ACO B . -4.72 10.64 9.50
C1B ACO B . -5.91 10.22 8.76
C2B ACO B . -6.92 11.38 8.60
O2B ACO B . -8.19 10.86 8.68
C3B ACO B . -6.61 11.79 7.12
O3B ACO B . -7.72 12.25 6.56
P3B ACO B . -7.85 14.04 6.76
O7A ACO B . -6.64 14.39 5.96
O8A ACO B . -7.79 14.24 8.27
O9A ACO B . -9.18 14.24 6.05
C4B ACO B . -6.23 10.43 6.51
O4B ACO B . -5.45 9.78 7.50
C5B ACO B . -5.38 10.57 5.24
O5B ACO B . -4.47 11.55 5.49
P1A ACO B . -3.11 11.30 4.58
O1A ACO B . -2.42 12.61 4.65
O2A ACO B . -3.31 10.56 3.27
O3A ACO B . -2.31 10.26 5.63
P2A ACO B . -0.75 10.34 5.64
O4A ACO B . -0.21 10.34 4.26
O5A ACO B . -0.18 11.23 6.70
O6A ACO B . -0.34 8.73 6.15
CBP ACO B . -0.45 6.95 7.62
CCP ACO B . -1.15 8.26 7.17
CDP ACO B . -0.22 6.07 6.41
CEP ACO B . -1.28 6.21 8.65
CAP ACO B . 0.86 7.41 8.25
OAP ACO B . 0.65 8.03 9.46
C9P ACO B . 1.80 6.22 8.58
O9P ACO B . 2.37 5.59 7.75
N8P ACO B . 1.99 5.91 9.90
C7P ACO B . 2.93 4.84 10.34
C6P ACO B . 2.75 3.53 9.56
C5P ACO B . 1.41 2.95 9.89
O5P ACO B . 0.85 3.00 11.00
N4P ACO B . 0.80 2.31 8.81
C3P ACO B . -0.52 1.69 8.93
C2P ACO B . -0.34 0.29 9.50
S1P ACO B . -1.93 -0.53 9.66
C ACO B . -2.26 -0.87 7.97
O ACO B . -1.43 -0.60 7.11
CH3 ACO B . -3.59 -1.50 7.68
#